data_2FIY
#
_entry.id   2FIY
#
_cell.length_a   46.261
_cell.length_b   96.617
_cell.length_c   140.620
_cell.angle_alpha   90.00
_cell.angle_beta   90.00
_cell.angle_gamma   90.00
#
_symmetry.space_group_name_H-M   'P 2 2 21'
#
loop_
_entity.id
_entity.type
_entity.pdbx_description
1 polymer 'Protein fdhE homolog'
2 non-polymer 'FE (III) ION'
3 water water
#
_entity_poly.entity_id   1
_entity_poly.type   'polypeptide(L)'
_entity_poly.pdbx_seq_one_letter_code
;MSRTILQPGQIEAAANIPPHLHQPSRDLFARRGERLLQLAEGHPMGDYLRLVAGLCRLQQALLDNPPALAPLDPERLRKS
REHGMPPLAYDLLVREGAWLPWLDALLAGYPAPANAAVGAALEQLREAEEGQRKAWAIALLSGQFDLLPAALVPFLGAAL
QVAWSHWLLGLEEGAVVETESRTLCPACGSPPMAGMIRQGGKETGLRYLSCSLCACEWHYVRIKCSHCEESKHLAYLSLE
HDGQPAEKAVLRAETCPSCQGYLKQFYLEFDRHADALADDLASLALDMRLAEDGYLRRSPNLLLAPGGE
;
_entity_poly.pdbx_strand_id   A,B
#
# COMPACT_ATOMS: atom_id res chain seq x y z
N PRO A 19 -3.88 29.17 -16.77
CA PRO A 19 -3.29 28.43 -15.65
C PRO A 19 -4.29 28.23 -14.50
N HIS A 20 -5.26 27.34 -14.72
CA HIS A 20 -6.34 27.12 -13.76
C HIS A 20 -5.83 26.44 -12.46
N LEU A 21 -4.74 25.71 -12.58
CA LEU A 21 -4.28 24.83 -11.51
C LEU A 21 -2.80 25.06 -11.22
N HIS A 22 -2.44 25.03 -9.94
CA HIS A 22 -1.05 25.03 -9.51
C HIS A 22 -0.83 23.86 -8.55
N GLN A 23 0.01 22.90 -8.95
CA GLN A 23 0.55 21.93 -7.99
C GLN A 23 1.51 22.70 -7.10
N PRO A 24 1.61 22.32 -5.82
CA PRO A 24 2.56 23.00 -4.95
C PRO A 24 4.01 22.66 -5.31
N SER A 25 4.94 23.49 -4.86
CA SER A 25 6.36 23.16 -4.98
C SER A 25 6.63 21.87 -4.20
N ARG A 26 7.62 21.11 -4.69
CA ARG A 26 8.10 19.93 -3.97
C ARG A 26 8.83 20.35 -2.70
N ASP A 27 9.09 21.65 -2.56
CA ASP A 27 9.69 22.21 -1.37
C ASP A 27 8.66 22.98 -0.51
N LEU A 28 7.36 22.70 -0.67
CA LEU A 28 6.33 23.53 -0.04
C LEU A 28 6.52 23.60 1.48
N PHE A 29 6.91 22.49 2.11
CA PHE A 29 7.02 22.47 3.57
C PHE A 29 8.25 23.23 4.11
N ALA A 30 9.38 23.13 3.43
CA ALA A 30 10.56 23.94 3.76
C ALA A 30 10.25 25.43 3.63
N ARG A 31 9.60 25.81 2.54
CA ARG A 31 9.24 27.21 2.30
C ARG A 31 8.27 27.75 3.35
N ARG A 32 7.31 26.92 3.72
CA ARG A 32 6.36 27.24 4.76
C ARG A 32 7.11 27.49 6.08
N GLY A 33 8.00 26.59 6.46
CA GLY A 33 8.85 26.79 7.65
C GLY A 33 9.69 28.07 7.64
N GLU A 34 10.33 28.34 6.51
CA GLU A 34 11.14 29.54 6.35
C GLU A 34 10.28 30.79 6.48
N ARG A 35 9.08 30.77 5.90
CA ARG A 35 8.17 31.91 5.99
C ARG A 35 7.72 32.13 7.43
N LEU A 36 7.43 31.04 8.13
CA LEU A 36 7.09 31.10 9.56
C LEU A 36 8.22 31.74 10.38
N LEU A 37 9.45 31.33 10.12
CA LEU A 37 10.62 31.93 10.81
C LEU A 37 10.74 33.42 10.52
N GLN A 38 10.51 33.79 9.26
CA GLN A 38 10.59 35.20 8.83
C GLN A 38 9.53 36.03 9.53
N LEU A 39 8.31 35.49 9.58
CA LEU A 39 7.20 36.19 10.23
C LEU A 39 7.31 36.24 11.74
N ALA A 40 7.96 35.23 12.33
CA ALA A 40 8.04 35.11 13.79
C ALA A 40 8.86 36.22 14.45
N GLU A 41 9.74 36.85 13.67
CA GLU A 41 10.68 37.83 14.20
C GLU A 41 9.92 39.07 14.65
N GLY A 42 10.05 39.40 15.93
CA GLY A 42 9.30 40.52 16.54
C GLY A 42 7.79 40.31 16.61
N HIS A 43 7.35 39.05 16.57
CA HIS A 43 5.92 38.74 16.54
C HIS A 43 5.45 38.34 17.94
N PRO A 44 4.26 38.81 18.36
CA PRO A 44 3.71 38.45 19.70
C PRO A 44 3.60 36.93 19.97
N MET A 45 3.27 36.16 18.94
CA MET A 45 3.21 34.70 19.02
C MET A 45 4.39 34.00 18.33
N GLY A 46 5.55 34.66 18.29
CA GLY A 46 6.71 34.17 17.56
C GLY A 46 7.24 32.83 18.02
N ASP A 47 7.18 32.59 19.33
CA ASP A 47 7.61 31.29 19.87
C ASP A 47 6.76 30.16 19.32
N TYR A 48 5.44 30.33 19.33
CA TYR A 48 4.51 29.39 18.70
C TYR A 48 4.80 29.18 17.20
N LEU A 49 4.94 30.27 16.46
CA LEU A 49 5.24 30.24 15.03
C LEU A 49 6.55 29.53 14.72
N ARG A 50 7.56 29.70 15.57
CA ARG A 50 8.82 28.95 15.43
C ARG A 50 8.70 27.44 15.69
N LEU A 51 7.83 27.08 16.63
CA LEU A 51 7.46 25.67 16.87
C LEU A 51 6.78 25.02 15.68
N VAL A 52 5.82 25.72 15.09
CA VAL A 52 5.17 25.25 13.87
C VAL A 52 6.20 25.14 12.73
N ALA A 53 7.14 26.08 12.65
CA ALA A 53 8.24 25.97 11.65
C ALA A 53 9.01 24.64 11.76
N GLY A 54 9.33 24.20 12.99
CA GLY A 54 9.95 22.89 13.24
C GLY A 54 9.14 21.72 12.69
N LEU A 55 7.84 21.77 12.90
CA LEU A 55 6.94 20.76 12.38
C LEU A 55 6.95 20.77 10.86
N CYS A 56 6.93 21.96 10.27
CA CYS A 56 6.98 22.06 8.81
C CYS A 56 8.30 21.54 8.24
N ARG A 57 9.41 21.77 8.94
CA ARG A 57 10.68 21.18 8.56
C ARG A 57 10.60 19.65 8.55
N LEU A 58 9.93 19.07 9.55
CA LEU A 58 9.70 17.63 9.62
C LEU A 58 8.89 17.14 8.45
N GLN A 59 7.80 17.84 8.16
CA GLN A 59 7.00 17.55 6.96
C GLN A 59 7.85 17.49 5.68
N GLN A 60 8.78 18.43 5.50
CA GLN A 60 9.64 18.39 4.30
C GLN A 60 10.51 17.14 4.24
N ALA A 61 11.14 16.79 5.37
CA ALA A 61 11.99 15.62 5.48
C ALA A 61 11.23 14.34 5.18
N LEU A 62 10.00 14.25 5.67
CA LEU A 62 9.14 13.11 5.39
C LEU A 62 8.82 13.04 3.89
N LEU A 63 8.36 14.15 3.34
CA LEU A 63 8.01 14.19 1.91
C LEU A 63 9.19 13.82 1.01
N ASP A 64 10.40 14.23 1.40
CA ASP A 64 11.61 13.91 0.66
C ASP A 64 12.06 12.46 0.90
N ASN A 65 11.48 11.76 1.89
CA ASN A 65 11.89 10.36 2.19
C ASN A 65 10.67 9.55 2.57
N PRO A 66 9.80 9.27 1.61
CA PRO A 66 8.53 8.68 1.96
C PRO A 66 8.68 7.27 2.57
N PRO A 67 7.77 6.89 3.49
CA PRO A 67 7.77 5.48 3.90
C PRO A 67 7.19 4.62 2.80
N ALA A 68 7.29 3.30 2.95
CA ALA A 68 6.64 2.37 2.05
C ALA A 68 5.13 2.61 2.06
N LEU A 69 4.55 2.88 0.89
CA LEU A 69 3.11 3.19 0.81
C LEU A 69 2.40 2.28 -0.19
N ALA A 70 1.15 1.95 0.13
CA ALA A 70 0.27 1.24 -0.81
C ALA A 70 -0.02 2.20 -1.94
N PRO A 71 0.13 1.78 -3.19
CA PRO A 71 -0.10 2.78 -4.25
C PRO A 71 -1.59 3.08 -4.44
N LEU A 72 -1.89 4.21 -5.06
CA LEU A 72 -3.27 4.50 -5.43
C LEU A 72 -3.76 3.51 -6.49
N ASP A 73 -4.84 2.82 -6.18
CA ASP A 73 -5.55 1.95 -7.11
C ASP A 73 -5.88 2.69 -8.42
N PRO A 74 -5.23 2.29 -9.53
CA PRO A 74 -5.45 3.01 -10.79
C PRO A 74 -6.88 2.86 -11.37
N GLU A 75 -7.57 1.78 -11.02
CA GLU A 75 -8.96 1.61 -11.43
C GLU A 75 -9.90 2.54 -10.64
N ARG A 76 -9.65 2.66 -9.34
CA ARG A 76 -10.43 3.52 -8.46
C ARG A 76 -10.26 4.99 -8.88
N LEU A 77 -9.03 5.37 -9.24
CA LEU A 77 -8.74 6.69 -9.80
C LEU A 77 -9.55 6.92 -11.06
N ARG A 78 -9.56 5.91 -11.93
CA ARG A 78 -10.27 5.98 -13.20
C ARG A 78 -11.77 6.19 -12.97
N LYS A 79 -12.32 5.44 -12.02
CA LYS A 79 -13.76 5.51 -11.72
C LYS A 79 -14.13 6.85 -11.13
N SER A 80 -13.33 7.33 -10.19
CA SER A 80 -13.64 8.58 -9.54
C SER A 80 -13.58 9.72 -10.56
N ARG A 81 -12.65 9.65 -11.50
CA ARG A 81 -12.53 10.63 -12.58
C ARG A 81 -13.73 10.51 -13.55
N GLU A 82 -14.09 9.28 -13.89
CA GLU A 82 -15.25 9.02 -14.74
C GLU A 82 -16.55 9.55 -14.13
N HIS A 83 -16.59 9.59 -12.79
CA HIS A 83 -17.78 10.02 -12.03
C HIS A 83 -17.72 11.48 -11.61
N GLY A 84 -16.71 12.22 -12.09
CA GLY A 84 -16.55 13.64 -11.81
C GLY A 84 -16.27 13.94 -10.34
N MET A 85 -15.62 13.00 -9.66
CA MET A 85 -15.25 13.16 -8.25
C MET A 85 -13.76 13.46 -8.15
N PRO A 86 -13.36 14.15 -7.07
CA PRO A 86 -11.94 14.42 -6.85
C PRO A 86 -11.14 13.11 -6.75
N PRO A 87 -9.98 13.02 -7.42
CA PRO A 87 -9.16 11.80 -7.38
C PRO A 87 -8.68 11.43 -5.96
N LEU A 88 -8.51 12.42 -5.10
CA LEU A 88 -8.06 12.15 -3.73
C LEU A 88 -9.16 12.49 -2.72
N ALA A 89 -10.43 12.30 -3.12
CA ALA A 89 -11.57 12.59 -2.23
C ALA A 89 -11.27 12.18 -0.80
N TYR A 90 -11.19 13.17 0.09
CA TYR A 90 -10.62 12.97 1.44
C TYR A 90 -11.37 11.90 2.28
N ASP A 91 -12.69 11.90 2.21
CA ASP A 91 -13.46 11.03 3.12
C ASP A 91 -13.22 9.56 2.79
N LEU A 92 -13.25 9.23 1.52
CA LEU A 92 -12.90 7.89 1.02
C LEU A 92 -11.48 7.43 1.42
N LEU A 93 -10.50 8.26 1.07
CA LEU A 93 -9.11 7.90 1.31
C LEU A 93 -8.74 7.87 2.78
N VAL A 94 -9.29 8.78 3.57
CA VAL A 94 -8.98 8.83 4.98
C VAL A 94 -9.47 7.52 5.63
N ARG A 95 -10.63 7.01 5.19
CA ARG A 95 -11.16 5.72 5.67
C ARG A 95 -10.36 4.49 5.24
N GLU A 96 -9.74 4.53 4.07
CA GLU A 96 -8.94 3.40 3.57
C GLU A 96 -7.63 3.19 4.35
N GLY A 97 -7.10 4.25 4.94
CA GLY A 97 -5.96 4.14 5.86
C GLY A 97 -4.57 4.07 5.25
N ALA A 98 -4.46 4.24 3.93
CA ALA A 98 -3.16 4.15 3.27
C ALA A 98 -2.20 5.29 3.64
N TRP A 99 -2.73 6.33 4.28
CA TRP A 99 -1.96 7.48 4.77
C TRP A 99 -1.26 7.19 6.09
N LEU A 100 -1.60 6.08 6.73
CA LEU A 100 -1.16 5.79 8.10
C LEU A 100 0.36 5.71 8.30
N PRO A 101 1.10 5.13 7.34
CA PRO A 101 2.57 5.12 7.53
C PRO A 101 3.21 6.51 7.67
N TRP A 102 2.54 7.52 7.14
CA TRP A 102 2.99 8.91 7.32
C TRP A 102 2.90 9.34 8.76
N LEU A 103 1.81 8.96 9.44
CA LEU A 103 1.66 9.24 10.86
C LEU A 103 2.75 8.52 11.64
N ASP A 104 2.98 7.24 11.36
CA ASP A 104 4.04 6.51 12.03
C ASP A 104 5.40 7.18 11.85
N ALA A 105 5.71 7.56 10.62
CA ALA A 105 6.97 8.23 10.30
C ALA A 105 7.12 9.59 10.98
N LEU A 106 6.05 10.35 11.04
CA LEU A 106 6.09 11.66 11.69
C LEU A 106 6.39 11.50 13.17
N LEU A 107 5.73 10.53 13.81
CA LEU A 107 5.92 10.32 15.24
C LEU A 107 7.33 9.87 15.53
N ALA A 108 7.85 8.93 14.73
CA ALA A 108 9.22 8.47 14.90
C ALA A 108 10.23 9.59 14.60
N GLY A 109 9.88 10.51 13.71
CA GLY A 109 10.72 11.67 13.40
C GLY A 109 10.57 12.86 14.33
N TYR A 110 9.81 12.71 15.42
CA TYR A 110 9.61 13.77 16.42
C TYR A 110 10.05 13.30 17.82
N PRO A 111 11.36 13.01 17.99
CA PRO A 111 11.87 12.45 19.27
C PRO A 111 12.12 13.47 20.42
N ALA A 112 11.89 14.76 20.17
CA ALA A 112 12.27 15.80 21.11
C ALA A 112 11.19 16.88 21.23
N PRO A 113 10.00 16.51 21.71
CA PRO A 113 8.97 17.51 21.96
C PRO A 113 9.34 18.57 23.01
N ALA A 114 8.64 19.70 22.95
CA ALA A 114 8.96 20.90 23.73
C ALA A 114 8.63 20.78 25.22
N ASN A 115 7.60 20.03 25.56
CA ASN A 115 7.12 19.93 26.93
C ASN A 115 6.33 18.65 27.14
N ALA A 116 5.87 18.44 28.37
CA ALA A 116 5.18 17.21 28.75
C ALA A 116 3.84 17.03 28.04
N ALA A 117 3.17 18.13 27.73
CA ALA A 117 1.81 18.07 27.18
C ALA A 117 1.88 17.63 25.73
N VAL A 118 2.78 18.24 24.97
CA VAL A 118 3.07 17.75 23.60
C VAL A 118 3.63 16.32 23.60
N GLY A 119 4.46 16.00 24.58
CA GLY A 119 4.93 14.64 24.77
C GLY A 119 3.75 13.71 24.94
N ALA A 120 2.81 14.09 25.81
CA ALA A 120 1.59 13.32 26.02
C ALA A 120 0.70 13.20 24.77
N ALA A 121 0.62 14.25 23.96
CA ALA A 121 -0.13 14.22 22.69
C ALA A 121 0.48 13.22 21.71
N LEU A 122 1.80 13.24 21.60
CA LEU A 122 2.46 12.32 20.69
C LEU A 122 2.26 10.90 21.17
N GLU A 123 2.36 10.67 22.48
CA GLU A 123 2.17 9.33 23.02
C GLU A 123 0.77 8.78 22.73
N GLN A 124 -0.27 9.62 22.87
CA GLN A 124 -1.65 9.19 22.55
C GLN A 124 -1.74 8.79 21.09
N LEU A 125 -1.11 9.56 20.23
CA LEU A 125 -1.09 9.22 18.81
C LEU A 125 -0.30 7.92 18.56
N ARG A 126 0.86 7.76 19.21
CA ARG A 126 1.65 6.53 19.09
C ARG A 126 0.90 5.31 19.55
N GLU A 127 0.21 5.44 20.68
CA GLU A 127 -0.53 4.33 21.27
C GLU A 127 -1.87 4.02 20.61
N ALA A 128 -2.47 4.99 19.93
CA ALA A 128 -3.79 4.80 19.33
C ALA A 128 -3.74 3.76 18.20
N GLU A 129 -4.71 2.86 18.12
CA GLU A 129 -4.66 1.91 16.98
C GLU A 129 -5.36 2.46 15.78
N GLU A 130 -5.34 1.68 14.70
CA GLU A 130 -5.78 2.18 13.40
C GLU A 130 -7.14 2.81 13.41
N GLY A 131 -8.11 2.15 14.04
CA GLY A 131 -9.48 2.63 14.04
C GLY A 131 -9.63 3.96 14.75
N GLN A 132 -8.90 4.13 15.83
CA GLN A 132 -8.89 5.35 16.63
C GLN A 132 -8.29 6.53 15.85
N ARG A 133 -7.14 6.27 15.23
CA ARG A 133 -6.44 7.24 14.43
C ARG A 133 -7.30 7.67 13.26
N LYS A 134 -8.00 6.71 12.65
CA LYS A 134 -8.90 7.02 11.55
C LYS A 134 -10.11 7.85 11.95
N ALA A 135 -10.67 7.55 13.13
CA ALA A 135 -11.79 8.30 13.64
C ALA A 135 -11.43 9.76 13.90
N TRP A 136 -10.27 9.99 14.52
CA TRP A 136 -9.73 11.33 14.73
C TRP A 136 -9.48 12.08 13.41
N ALA A 137 -8.91 11.36 12.43
CA ALA A 137 -8.62 11.94 11.11
C ALA A 137 -9.92 12.33 10.37
N ILE A 138 -10.94 11.47 10.45
CA ILE A 138 -12.25 11.79 9.84
C ILE A 138 -12.84 13.03 10.52
N ALA A 139 -12.70 13.13 11.84
CA ALA A 139 -13.23 14.27 12.56
C ALA A 139 -12.54 15.55 12.13
N LEU A 140 -11.22 15.48 12.01
CA LEU A 140 -10.42 16.66 11.71
C LEU A 140 -10.73 17.17 10.30
N LEU A 141 -10.74 16.27 9.33
CA LEU A 141 -10.97 16.62 7.92
C LEU A 141 -12.42 17.00 7.64
N SER A 142 -13.35 16.64 8.55
CA SER A 142 -14.73 17.12 8.46
C SER A 142 -15.01 18.31 9.35
N GLY A 143 -14.00 18.81 10.08
CA GLY A 143 -14.20 19.99 10.93
C GLY A 143 -14.93 19.73 12.24
N GLN A 144 -15.01 18.48 12.68
CA GLN A 144 -15.70 18.15 13.94
C GLN A 144 -14.66 18.10 15.08
N PHE A 145 -14.26 19.29 15.53
CA PHE A 145 -13.13 19.44 16.47
C PHE A 145 -13.43 18.91 17.87
N ASP A 146 -14.71 18.78 18.21
CA ASP A 146 -15.08 18.18 19.49
C ASP A 146 -14.84 16.65 19.53
N LEU A 147 -14.56 16.03 18.38
CA LEU A 147 -14.35 14.58 18.32
C LEU A 147 -12.90 14.11 18.23
N LEU A 148 -11.94 15.01 18.41
CA LEU A 148 -10.54 14.61 18.70
C LEU A 148 -9.93 15.58 19.72
N PRO A 149 -8.84 15.16 20.40
CA PRO A 149 -8.22 16.08 21.34
C PRO A 149 -7.46 17.18 20.64
N ALA A 150 -7.68 18.41 21.12
CA ALA A 150 -7.09 19.60 20.49
C ALA A 150 -5.57 19.53 20.41
N ALA A 151 -4.94 18.98 21.45
CA ALA A 151 -3.47 18.88 21.46
C ALA A 151 -2.89 17.95 20.38
N LEU A 152 -3.69 17.04 19.86
CA LEU A 152 -3.23 16.11 18.82
C LEU A 152 -3.32 16.70 17.41
N VAL A 153 -4.12 17.75 17.28
CA VAL A 153 -4.47 18.31 15.98
C VAL A 153 -3.26 18.63 15.11
N PRO A 154 -2.28 19.39 15.64
CA PRO A 154 -1.15 19.75 14.77
C PRO A 154 -0.39 18.57 14.19
N PHE A 155 -0.26 17.51 14.97
CA PHE A 155 0.53 16.35 14.59
C PHE A 155 -0.22 15.48 13.60
N LEU A 156 -1.49 15.20 13.89
CA LEU A 156 -2.34 14.45 12.97
C LEU A 156 -2.54 15.23 11.67
N GLY A 157 -2.87 16.50 11.78
CA GLY A 157 -3.00 17.37 10.62
C GLY A 157 -1.77 17.40 9.72
N ALA A 158 -0.61 17.54 10.33
CA ALA A 158 0.65 17.59 9.58
C ALA A 158 0.93 16.30 8.83
N ALA A 159 0.60 15.16 9.45
CA ALA A 159 0.73 13.85 8.81
C ALA A 159 -0.21 13.71 7.61
N LEU A 160 -1.45 14.17 7.76
CA LEU A 160 -2.42 14.12 6.68
C LEU A 160 -2.02 15.03 5.53
N GLN A 161 -1.57 16.24 5.83
CA GLN A 161 -1.07 17.17 4.81
C GLN A 161 0.06 16.58 3.95
N VAL A 162 1.04 15.98 4.59
CA VAL A 162 2.15 15.33 3.86
C VAL A 162 1.61 14.21 2.98
N ALA A 163 0.72 13.38 3.53
CA ALA A 163 0.17 12.25 2.78
C ALA A 163 -0.55 12.74 1.53
N TRP A 164 -1.42 13.74 1.68
CA TRP A 164 -2.21 14.28 0.55
C TRP A 164 -1.37 15.04 -0.47
N SER A 165 -0.37 15.80 -0.02
CA SER A 165 0.52 16.48 -0.96
C SER A 165 1.39 15.48 -1.73
N HIS A 166 1.88 14.45 -1.05
CA HIS A 166 2.60 13.39 -1.69
C HIS A 166 1.73 12.79 -2.80
N TRP A 167 0.48 12.46 -2.50
CA TRP A 167 -0.42 11.88 -3.48
C TRP A 167 -0.67 12.84 -4.64
N LEU A 168 -0.88 14.12 -4.31
CA LEU A 168 -1.13 15.16 -5.29
C LEU A 168 0.04 15.27 -6.29
N LEU A 169 1.25 15.34 -5.74
CA LEU A 169 2.46 15.50 -6.55
C LEU A 169 2.73 14.29 -7.44
N GLY A 170 2.16 13.14 -7.11
CA GLY A 170 2.26 11.95 -7.92
C GLY A 170 1.18 11.73 -8.96
N LEU A 171 0.15 12.58 -9.01
CA LEU A 171 -0.83 12.53 -10.11
C LEU A 171 -0.09 13.06 -11.37
N GLU A 172 -0.15 12.42 -12.54
CA GLU A 172 -1.33 11.90 -13.24
C GLU A 172 -2.09 13.15 -13.72
N GLU A 173 -1.38 14.04 -14.43
CA GLU A 173 -1.96 15.33 -14.79
C GLU A 173 -3.08 15.16 -15.81
N GLY A 174 -4.17 15.91 -15.61
CA GLY A 174 -5.48 15.62 -16.21
C GLY A 174 -6.46 15.10 -15.17
N ALA A 175 -5.95 14.42 -14.14
CA ALA A 175 -6.77 13.75 -13.12
C ALA A 175 -7.47 14.74 -12.19
N VAL A 176 -6.82 15.86 -11.90
CA VAL A 176 -7.41 16.90 -11.08
C VAL A 176 -8.43 17.69 -11.94
N VAL A 177 -9.65 17.80 -11.43
CA VAL A 177 -10.74 18.52 -12.11
C VAL A 177 -10.37 19.99 -12.34
N GLU A 178 -10.73 20.54 -13.50
CA GLU A 178 -10.57 21.99 -13.71
C GLU A 178 -11.88 22.67 -14.09
N THR A 179 -12.87 22.48 -13.22
CA THR A 179 -14.14 23.19 -13.28
C THR A 179 -13.94 24.59 -12.68
N GLU A 180 -14.69 25.57 -13.18
CA GLU A 180 -14.31 26.99 -13.10
C GLU A 180 -14.80 27.83 -11.91
N SER A 181 -15.78 27.35 -11.14
CA SER A 181 -16.12 28.03 -9.88
C SER A 181 -16.46 27.02 -8.79
N ARG A 182 -15.49 26.16 -8.50
CA ARG A 182 -15.57 25.23 -7.38
C ARG A 182 -15.23 25.95 -6.10
N THR A 183 -16.06 25.75 -5.06
CA THR A 183 -15.71 26.22 -3.72
C THR A 183 -14.79 25.22 -2.98
N LEU A 184 -14.69 23.99 -3.48
CA LEU A 184 -13.90 22.94 -2.83
C LEU A 184 -12.82 22.44 -3.77
N CYS A 185 -11.76 21.89 -3.19
CA CYS A 185 -10.55 21.50 -3.91
C CYS A 185 -10.88 20.48 -4.98
N PRO A 186 -10.42 20.73 -6.22
CA PRO A 186 -10.71 19.75 -7.27
C PRO A 186 -9.88 18.47 -7.18
N ALA A 187 -8.80 18.46 -6.37
CA ALA A 187 -7.99 17.28 -6.18
C ALA A 187 -8.54 16.40 -5.05
N CYS A 188 -8.95 17.02 -3.95
CA CYS A 188 -9.31 16.23 -2.75
C CYS A 188 -10.70 16.53 -2.15
N GLY A 189 -11.34 17.60 -2.59
CA GLY A 189 -12.68 17.95 -2.12
C GLY A 189 -12.74 18.67 -0.80
N SER A 190 -11.58 19.04 -0.25
CA SER A 190 -11.51 19.76 1.02
C SER A 190 -11.70 21.27 0.79
N PRO A 191 -12.07 22.02 1.86
CA PRO A 191 -12.19 23.47 1.72
C PRO A 191 -10.82 24.13 1.69
N PRO A 192 -10.77 25.34 1.11
CA PRO A 192 -9.52 26.11 1.11
C PRO A 192 -9.16 26.57 2.51
N MET A 193 -7.88 26.81 2.74
CA MET A 193 -7.40 27.39 3.97
C MET A 193 -7.29 28.90 3.83
N ALA A 194 -7.19 29.38 2.60
CA ALA A 194 -6.92 30.77 2.28
C ALA A 194 -6.99 31.00 0.77
N GLY A 195 -7.02 32.27 0.38
CA GLY A 195 -6.94 32.67 -1.02
C GLY A 195 -5.59 33.26 -1.29
N MET A 196 -5.18 33.21 -2.55
CA MET A 196 -3.89 33.72 -2.97
C MET A 196 -4.09 34.50 -4.28
N ILE A 197 -3.70 35.76 -4.28
CA ILE A 197 -3.85 36.62 -5.46
C ILE A 197 -2.45 36.79 -6.06
N ARG A 198 -2.28 36.27 -7.26
CA ARG A 198 -0.97 36.12 -7.87
C ARG A 198 -0.79 37.10 -8.99
N GLN A 199 0.04 38.12 -8.71
CA GLN A 199 0.63 39.06 -9.69
C GLN A 199 -0.14 39.25 -10.99
N THR A 204 -6.81 43.27 -12.65
CA THR A 204 -5.93 42.35 -13.34
C THR A 204 -4.92 41.75 -12.37
N GLY A 205 -4.94 40.42 -12.24
CA GLY A 205 -4.22 39.67 -11.21
C GLY A 205 -5.10 38.52 -10.75
N LEU A 206 -4.66 37.28 -10.98
CA LEU A 206 -5.52 36.11 -10.81
C LEU A 206 -5.61 35.59 -9.38
N ARG A 207 -6.82 35.22 -8.97
CA ARG A 207 -7.04 34.70 -7.63
C ARG A 207 -7.19 33.18 -7.61
N TYR A 208 -6.52 32.56 -6.64
CA TYR A 208 -6.54 31.11 -6.44
C TYR A 208 -6.98 30.77 -5.03
N LEU A 209 -7.75 29.70 -4.88
CA LEU A 209 -8.02 29.12 -3.58
C LEU A 209 -6.92 28.10 -3.30
N SER A 210 -6.53 28.00 -2.04
CA SER A 210 -5.43 27.13 -1.62
C SER A 210 -5.96 26.06 -0.64
N CYS A 211 -5.81 24.79 -1.01
CA CYS A 211 -6.48 23.72 -0.29
C CYS A 211 -5.91 23.54 1.11
N SER A 212 -6.79 23.39 2.09
CA SER A 212 -6.36 23.20 3.48
C SER A 212 -5.62 21.84 3.68
N LEU A 213 -5.87 20.87 2.81
CA LEU A 213 -5.35 19.51 2.97
C LEU A 213 -4.13 19.19 2.09
N CYS A 214 -4.31 19.28 0.79
CA CYS A 214 -3.32 18.79 -0.19
C CYS A 214 -2.42 19.90 -0.77
N ALA A 215 -2.75 21.15 -0.47
CA ALA A 215 -2.04 22.35 -0.94
C ALA A 215 -2.13 22.55 -2.45
N CYS A 216 -3.14 21.94 -3.08
CA CYS A 216 -3.49 22.30 -4.43
C CYS A 216 -4.02 23.75 -4.46
N GLU A 217 -3.62 24.52 -5.46
CA GLU A 217 -4.20 25.85 -5.71
C GLU A 217 -5.02 25.80 -6.99
N TRP A 218 -6.25 26.28 -6.93
CA TRP A 218 -7.12 26.27 -8.10
C TRP A 218 -7.76 27.63 -8.31
N HIS A 219 -7.89 28.03 -9.58
CA HIS A 219 -8.46 29.32 -9.94
C HIS A 219 -9.94 29.40 -9.54
N TYR A 220 -10.30 30.54 -8.93
CA TYR A 220 -11.67 30.82 -8.55
C TYR A 220 -11.97 32.29 -8.88
N VAL A 221 -13.06 32.52 -9.60
CA VAL A 221 -13.39 33.86 -10.08
C VAL A 221 -13.22 34.90 -8.96
N ARG A 222 -12.54 35.99 -9.32
CA ARG A 222 -12.06 36.95 -8.33
C ARG A 222 -13.13 37.78 -7.63
N ILE A 223 -14.30 37.93 -8.24
CA ILE A 223 -15.33 38.82 -7.70
C ILE A 223 -16.50 38.02 -7.13
N LYS A 224 -16.19 36.99 -6.32
CA LYS A 224 -17.21 36.07 -5.86
C LYS A 224 -16.90 35.55 -4.47
N CYS A 225 -17.92 35.42 -3.63
CA CYS A 225 -17.74 34.84 -2.31
C CYS A 225 -17.32 33.38 -2.46
N SER A 226 -16.42 32.95 -1.59
CA SER A 226 -15.85 31.62 -1.67
C SER A 226 -16.76 30.55 -1.04
N HIS A 227 -17.82 30.94 -0.34
CA HIS A 227 -18.76 29.97 0.23
C HIS A 227 -20.08 29.97 -0.50
N CYS A 228 -20.94 30.96 -0.22
CA CYS A 228 -22.08 31.21 -1.10
C CYS A 228 -21.41 31.82 -2.32
N GLU A 229 -22.04 31.76 -3.47
CA GLU A 229 -21.37 32.18 -4.69
C GLU A 229 -21.83 33.56 -5.16
N GLU A 230 -22.25 34.40 -4.22
CA GLU A 230 -22.70 35.74 -4.55
C GLU A 230 -21.52 36.62 -4.92
N SER A 231 -21.69 37.40 -5.99
CA SER A 231 -20.67 38.32 -6.48
C SER A 231 -21.03 39.76 -6.14
N LYS A 232 -22.24 39.97 -5.61
CA LYS A 232 -22.71 41.27 -5.13
C LYS A 232 -21.62 41.95 -4.32
N HIS A 233 -21.57 43.29 -4.37
CA HIS A 233 -20.45 44.04 -3.82
C HIS A 233 -19.95 43.53 -2.45
N LEU A 234 -18.89 42.73 -2.51
CA LEU A 234 -18.18 42.22 -1.33
C LEU A 234 -17.30 43.33 -0.75
N ALA A 235 -16.86 43.16 0.49
CA ALA A 235 -15.96 44.13 1.14
C ALA A 235 -14.60 43.52 1.53
N TYR A 236 -13.57 44.37 1.55
CA TYR A 236 -12.17 43.95 1.70
C TYR A 236 -11.46 44.67 2.83
N LEU A 237 -10.99 43.89 3.79
CA LEU A 237 -10.63 44.40 5.10
C LEU A 237 -9.20 44.00 5.48
N SER A 238 -8.41 45.01 5.84
CA SER A 238 -7.02 44.81 6.26
C SER A 238 -6.83 45.50 7.59
N LEU A 239 -5.90 44.97 8.39
CA LEU A 239 -5.62 45.61 9.67
C LEU A 239 -4.12 45.87 9.81
N GLU A 240 -3.77 47.01 10.41
CA GLU A 240 -2.38 47.48 10.51
C GLU A 240 -1.42 46.43 11.09
N HIS A 241 -0.16 46.49 10.67
CA HIS A 241 0.86 45.53 11.08
C HIS A 241 2.13 46.23 11.55
N GLY A 243 2.79 49.81 11.27
CA GLY A 243 4.13 49.81 10.72
C GLY A 243 4.15 49.51 9.24
N GLN A 244 3.17 48.72 8.79
CA GLN A 244 3.04 48.33 7.39
C GLN A 244 1.69 48.82 6.86
N PRO A 245 1.77 49.74 5.90
CA PRO A 245 0.63 50.52 5.41
C PRO A 245 -0.37 49.73 4.58
N ALA A 246 -1.57 50.27 4.48
CA ALA A 246 -2.73 49.48 4.15
C ALA A 246 -2.96 49.45 2.65
N GLU A 247 -2.43 50.43 1.94
CA GLU A 247 -2.49 50.37 0.47
C GLU A 247 -1.56 49.26 -0.07
N LYS A 248 -0.49 48.96 0.67
CA LYS A 248 0.46 47.86 0.36
C LYS A 248 0.28 46.59 1.20
N ALA A 249 -0.94 46.30 1.64
CA ALA A 249 -1.16 45.19 2.58
C ALA A 249 -0.99 43.85 1.89
N VAL A 250 -0.35 42.90 2.56
CA VAL A 250 -0.22 41.54 2.07
C VAL A 250 -1.51 40.76 2.36
N LEU A 251 -2.12 41.01 3.51
CA LEU A 251 -3.35 40.37 3.94
C LEU A 251 -4.55 41.30 3.78
N ARG A 252 -5.56 40.82 3.06
CA ARG A 252 -6.92 41.40 3.09
C ARG A 252 -7.96 40.29 3.17
N ALA A 253 -8.87 40.42 4.13
CA ALA A 253 -10.02 39.51 4.26
C ALA A 253 -11.16 39.93 3.34
N GLU A 254 -11.63 39.00 2.53
CA GLU A 254 -12.81 39.17 1.71
C GLU A 254 -14.01 38.86 2.58
N THR A 255 -14.93 39.83 2.68
CA THR A 255 -16.11 39.68 3.50
C THR A 255 -17.39 39.82 2.67
N CYS A 256 -18.34 38.97 3.06
CA CYS A 256 -19.59 38.80 2.36
C CYS A 256 -20.76 38.91 3.33
N PRO A 257 -21.64 39.89 3.11
CA PRO A 257 -22.80 40.12 3.96
C PRO A 257 -23.97 39.15 3.71
N SER A 258 -23.98 38.48 2.55
CA SER A 258 -25.06 37.53 2.22
C SER A 258 -24.94 36.26 3.02
N CYS A 259 -23.72 35.74 3.20
CA CYS A 259 -23.52 34.59 4.08
C CYS A 259 -22.74 34.90 5.36
N GLN A 260 -22.35 36.16 5.56
CA GLN A 260 -21.55 36.58 6.71
C GLN A 260 -20.29 35.71 6.86
N GLY A 261 -19.66 35.43 5.73
CA GLY A 261 -18.41 34.68 5.70
C GLY A 261 -17.25 35.61 5.43
N TYR A 262 -16.07 35.21 5.89
CA TYR A 262 -14.83 35.84 5.46
C TYR A 262 -13.79 34.80 5.04
N LEU A 263 -12.94 35.20 4.10
CA LEU A 263 -11.76 34.44 3.71
C LEU A 263 -10.52 35.37 3.68
N LYS A 264 -9.53 35.02 4.48
CA LYS A 264 -8.23 35.69 4.41
C LYS A 264 -7.53 35.38 3.10
N GLN A 265 -6.99 36.41 2.47
CA GLN A 265 -6.31 36.27 1.20
C GLN A 265 -5.01 37.02 1.18
N PHE A 266 -3.99 36.43 0.56
CA PHE A 266 -2.66 37.02 0.52
C PHE A 266 -2.28 37.45 -0.87
N TYR A 267 -1.79 38.68 -0.94
CA TYR A 267 -1.48 39.33 -2.19
C TYR A 267 0.03 39.30 -2.39
N LEU A 268 0.46 38.45 -3.31
CA LEU A 268 1.86 38.19 -3.55
C LEU A 268 2.58 39.35 -4.22
N GLU A 269 1.81 40.24 -4.89
CA GLU A 269 2.34 41.47 -5.45
C GLU A 269 3.10 42.27 -4.38
N PHE A 270 2.64 42.19 -3.14
CA PHE A 270 3.23 42.99 -2.06
C PHE A 270 4.23 42.22 -1.21
N ASP A 271 4.22 40.90 -1.30
CA ASP A 271 5.26 40.08 -0.70
C ASP A 271 5.23 38.70 -1.35
N ARG A 272 6.20 38.44 -2.22
CA ARG A 272 6.22 37.25 -3.04
C ARG A 272 6.46 35.97 -2.24
N HIS A 273 6.88 36.12 -0.98
CA HIS A 273 7.10 34.99 -0.08
C HIS A 273 5.90 34.62 0.79
N ALA A 274 4.77 35.30 0.56
CA ALA A 274 3.54 34.98 1.29
C ALA A 274 3.16 33.52 1.09
N ASP A 275 2.75 32.88 2.20
CA ASP A 275 2.43 31.47 2.22
C ASP A 275 1.06 31.29 2.87
N ALA A 276 0.20 30.46 2.27
CA ALA A 276 -1.17 30.35 2.75
C ALA A 276 -1.24 29.90 4.20
N LEU A 277 -0.38 28.98 4.60
CA LEU A 277 -0.42 28.46 5.96
C LEU A 277 0.29 29.40 6.94
N ALA A 278 1.50 29.81 6.59
CA ALA A 278 2.33 30.61 7.47
C ALA A 278 1.75 32.00 7.73
N ASP A 279 1.30 32.69 6.69
CA ASP A 279 0.69 34.02 6.87
C ASP A 279 -0.67 33.97 7.57
N ASP A 280 -1.38 32.86 7.42
CA ASP A 280 -2.62 32.57 8.19
C ASP A 280 -2.32 32.50 9.70
N LEU A 281 -1.37 31.65 10.09
CA LEU A 281 -1.03 31.49 11.51
C LEU A 281 -0.48 32.77 12.15
N ALA A 282 0.14 33.63 11.34
CA ALA A 282 0.71 34.88 11.80
C ALA A 282 -0.28 36.05 11.83
N SER A 283 -1.52 35.82 11.42
CA SER A 283 -2.50 36.89 11.37
C SER A 283 -3.81 36.52 12.08
N LEU A 284 -3.70 35.79 13.18
CA LEU A 284 -4.91 35.38 13.92
C LEU A 284 -5.63 36.56 14.55
N ALA A 285 -4.92 37.68 14.75
CA ALA A 285 -5.56 38.93 15.17
C ALA A 285 -6.68 39.38 14.22
N LEU A 286 -6.49 39.24 12.91
CA LEU A 286 -7.55 39.61 11.95
C LEU A 286 -8.78 38.70 12.10
N ASP A 287 -8.57 37.41 12.35
CA ASP A 287 -9.68 36.50 12.52
C ASP A 287 -10.62 37.03 13.63
N MET A 288 -10.05 37.41 14.77
CA MET A 288 -10.83 37.94 15.92
C MET A 288 -11.55 39.25 15.64
N ARG A 289 -10.87 40.15 14.96
CA ARG A 289 -11.47 41.40 14.49
C ARG A 289 -12.72 41.08 13.65
N LEU A 290 -12.62 40.06 12.81
CA LEU A 290 -13.76 39.62 12.00
C LEU A 290 -14.81 38.81 12.78
N ALA A 291 -14.36 37.93 13.68
CA ALA A 291 -15.26 37.10 14.46
C ALA A 291 -16.02 37.90 15.53
N GLU A 292 -15.58 39.15 15.78
CA GLU A 292 -16.35 40.09 16.59
C GLU A 292 -17.24 40.97 15.72
N ASP A 293 -16.87 41.17 14.47
CA ASP A 293 -17.68 41.92 13.51
C ASP A 293 -18.89 41.12 12.99
N GLY A 294 -19.05 39.88 13.47
CA GLY A 294 -20.14 39.01 13.02
C GLY A 294 -19.86 38.25 11.72
N TYR A 295 -18.60 37.88 11.49
CA TYR A 295 -18.25 37.12 10.30
C TYR A 295 -17.77 35.72 10.66
N LEU A 296 -18.08 34.74 9.79
CA LEU A 296 -17.72 33.35 10.03
C LEU A 296 -16.60 32.87 9.09
N ARG A 297 -15.64 32.16 9.67
CA ARG A 297 -14.59 31.50 8.89
C ARG A 297 -14.96 30.05 8.62
N ARG A 298 -14.93 29.66 7.34
CA ARG A 298 -15.20 28.27 6.91
C ARG A 298 -13.98 27.66 6.20
N SER A 299 -12.80 28.24 6.45
CA SER A 299 -11.56 27.80 5.83
C SER A 299 -10.64 27.19 6.90
N PRO A 300 -10.53 25.84 6.93
CA PRO A 300 -9.76 25.22 8.00
C PRO A 300 -8.26 25.47 7.88
N ASN A 301 -7.59 25.54 9.03
CA ASN A 301 -6.15 25.39 9.11
C ASN A 301 -5.92 24.09 9.91
N LEU A 302 -5.38 23.07 9.25
CA LEU A 302 -5.32 21.74 9.85
C LEU A 302 -4.23 21.57 10.90
N LEU A 303 -3.39 22.57 11.11
CA LEU A 303 -2.39 22.48 12.17
C LEU A 303 -2.83 23.17 13.46
N LEU A 304 -4.01 23.80 13.48
CA LEU A 304 -4.46 24.60 14.63
C LEU A 304 -5.93 24.35 14.94
N ALA A 305 -6.24 23.82 16.12
CA ALA A 305 -7.64 23.75 16.57
C ALA A 305 -8.09 25.15 16.97
N PRO A 306 -9.36 25.52 16.68
CA PRO A 306 -10.07 26.71 17.19
C PRO A 306 -9.96 27.23 18.66
N GLY A 307 -9.96 26.44 19.76
CA GLY A 307 -9.86 24.98 19.84
C GLY A 307 -8.72 24.61 20.80
N GLY A 308 -8.93 23.80 21.84
CA GLY A 308 -10.21 23.20 22.24
C GLY A 308 -10.15 22.62 23.66
N PRO B 18 27.43 -21.58 4.69
CA PRO B 18 26.66 -20.33 4.59
C PRO B 18 25.24 -20.57 4.10
N PRO B 19 24.22 -20.36 4.96
CA PRO B 19 22.83 -20.48 4.51
C PRO B 19 22.48 -19.46 3.43
N HIS B 20 21.78 -19.90 2.38
CA HIS B 20 21.52 -19.05 1.21
C HIS B 20 20.35 -19.54 0.37
N LEU B 21 19.68 -18.58 -0.26
CA LEU B 21 18.57 -18.82 -1.16
C LEU B 21 19.06 -19.31 -2.53
N HIS B 22 18.29 -20.20 -3.15
CA HIS B 22 18.39 -20.44 -4.59
C HIS B 22 17.11 -19.90 -5.22
N GLN B 23 17.19 -18.67 -5.71
CA GLN B 23 16.07 -18.03 -6.36
C GLN B 23 15.72 -18.74 -7.66
N PRO B 24 14.42 -18.74 -8.02
CA PRO B 24 14.01 -19.38 -9.26
C PRO B 24 14.42 -18.57 -10.48
N SER B 25 14.31 -19.18 -11.64
CA SER B 25 14.47 -18.50 -12.90
C SER B 25 13.40 -17.42 -13.06
N ARG B 26 13.75 -16.35 -13.76
CA ARG B 26 12.81 -15.28 -14.04
C ARG B 26 11.73 -15.68 -15.06
N ASP B 27 11.94 -16.79 -15.76
CA ASP B 27 10.91 -17.39 -16.62
C ASP B 27 10.29 -18.64 -15.98
N LEU B 28 10.26 -18.70 -14.65
CA LEU B 28 9.81 -19.92 -13.97
C LEU B 28 8.38 -20.33 -14.30
N PHE B 29 7.50 -19.35 -14.54
CA PHE B 29 6.10 -19.66 -14.85
C PHE B 29 5.93 -20.12 -16.30
N ALA B 30 6.68 -19.52 -17.22
CA ALA B 30 6.79 -20.02 -18.59
C ALA B 30 7.23 -21.50 -18.62
N ARG B 31 8.28 -21.80 -17.86
CA ARG B 31 8.81 -23.17 -17.76
C ARG B 31 7.78 -24.16 -17.21
N ARG B 32 7.04 -23.74 -16.19
CA ARG B 32 5.95 -24.57 -15.65
C ARG B 32 4.91 -24.91 -16.70
N GLY B 33 4.46 -23.89 -17.42
CA GLY B 33 3.48 -24.04 -18.48
C GLY B 33 3.95 -24.99 -19.57
N GLU B 34 5.17 -24.77 -20.06
CA GLU B 34 5.79 -25.64 -21.06
C GLU B 34 5.88 -27.08 -20.58
N ARG B 35 6.37 -27.27 -19.36
CA ARG B 35 6.45 -28.61 -18.79
C ARG B 35 5.07 -29.27 -18.66
N LEU B 36 4.05 -28.48 -18.30
CA LEU B 36 2.69 -29.01 -18.17
C LEU B 36 2.17 -29.47 -19.54
N LEU B 37 2.39 -28.65 -20.57
CA LEU B 37 2.02 -29.01 -21.95
C LEU B 37 2.74 -30.25 -22.45
N GLN B 38 4.03 -30.35 -22.13
CA GLN B 38 4.80 -31.56 -22.44
C GLN B 38 4.16 -32.78 -21.77
N LEU B 39 3.95 -32.69 -20.45
CA LEU B 39 3.41 -33.81 -19.69
C LEU B 39 1.97 -34.17 -20.06
N ALA B 40 1.18 -33.18 -20.48
CA ALA B 40 -0.24 -33.37 -20.78
C ALA B 40 -0.50 -34.25 -22.00
N GLU B 41 0.50 -34.41 -22.87
CA GLU B 41 0.36 -35.21 -24.08
C GLU B 41 0.14 -36.68 -23.72
N GLY B 42 -1.05 -37.19 -24.05
CA GLY B 42 -1.40 -38.59 -23.79
C GLY B 42 -1.74 -38.87 -22.34
N HIS B 43 -1.87 -37.81 -21.53
CA HIS B 43 -2.12 -37.91 -20.08
C HIS B 43 -3.62 -38.02 -19.78
N PRO B 44 -4.00 -38.90 -18.85
CA PRO B 44 -5.41 -39.06 -18.41
C PRO B 44 -6.09 -37.75 -18.00
N MET B 45 -5.36 -36.89 -17.30
CA MET B 45 -5.83 -35.57 -16.89
C MET B 45 -5.21 -34.45 -17.75
N GLY B 46 -4.91 -34.77 -19.01
CA GLY B 46 -4.28 -33.85 -19.95
C GLY B 46 -5.03 -32.54 -20.13
N ASP B 47 -6.35 -32.59 -20.20
CA ASP B 47 -7.17 -31.39 -20.38
C ASP B 47 -6.97 -30.44 -19.21
N TYR B 48 -6.94 -31.00 -18.01
CA TYR B 48 -6.69 -30.23 -16.79
C TYR B 48 -5.29 -29.60 -16.78
N LEU B 49 -4.29 -30.42 -17.11
CA LEU B 49 -2.89 -29.97 -17.13
C LEU B 49 -2.68 -28.81 -18.10
N ARG B 50 -3.35 -28.88 -19.25
CA ARG B 50 -3.32 -27.80 -20.24
C ARG B 50 -4.05 -26.54 -19.75
N LEU B 51 -5.13 -26.71 -19.00
CA LEU B 51 -5.86 -25.58 -18.40
C LEU B 51 -4.94 -24.83 -17.43
N VAL B 52 -4.23 -25.57 -16.58
CA VAL B 52 -3.27 -25.00 -15.62
C VAL B 52 -2.08 -24.36 -16.35
N ALA B 53 -1.66 -24.96 -17.45
CA ALA B 53 -0.55 -24.41 -18.25
C ALA B 53 -0.91 -22.99 -18.70
N GLY B 54 -2.16 -22.80 -19.13
CA GLY B 54 -2.64 -21.48 -19.50
C GLY B 54 -2.56 -20.47 -18.37
N LEU B 55 -2.88 -20.90 -17.16
CA LEU B 55 -2.75 -20.05 -15.97
C LEU B 55 -1.27 -19.67 -15.68
N CYS B 56 -0.38 -20.64 -15.87
CA CYS B 56 1.06 -20.39 -15.73
C CYS B 56 1.58 -19.39 -16.76
N ARG B 57 1.06 -19.44 -17.99
CA ARG B 57 1.39 -18.43 -19.01
C ARG B 57 0.95 -17.05 -18.55
N LEU B 58 -0.23 -16.96 -17.94
CA LEU B 58 -0.73 -15.68 -17.42
C LEU B 58 0.16 -15.19 -16.27
N GLN B 59 0.57 -16.10 -15.38
CA GLN B 59 1.49 -15.74 -14.28
C GLN B 59 2.78 -15.13 -14.82
N GLN B 60 3.30 -15.70 -15.89
CA GLN B 60 4.52 -15.15 -16.51
C GLN B 60 4.31 -13.76 -17.05
N ALA B 61 3.19 -13.52 -17.74
CA ALA B 61 2.91 -12.20 -18.31
C ALA B 61 2.76 -11.17 -17.18
N LEU B 62 2.15 -11.58 -16.09
CA LEU B 62 2.05 -10.74 -14.89
C LEU B 62 3.43 -10.38 -14.36
N LEU B 63 4.26 -11.40 -14.06
CA LEU B 63 5.60 -11.17 -13.50
C LEU B 63 6.44 -10.26 -14.39
N ASP B 64 6.26 -10.41 -15.70
CA ASP B 64 6.99 -9.60 -16.66
C ASP B 64 6.49 -8.15 -16.74
N ASN B 65 5.28 -7.88 -16.25
CA ASN B 65 4.71 -6.52 -16.31
C ASN B 65 3.97 -6.21 -15.01
N PRO B 66 4.72 -5.98 -13.93
CA PRO B 66 4.14 -5.91 -12.59
C PRO B 66 3.27 -4.66 -12.41
N PRO B 67 2.21 -4.75 -11.58
CA PRO B 67 1.45 -3.54 -11.27
C PRO B 67 2.28 -2.63 -10.36
N ALA B 68 1.82 -1.41 -10.10
CA ALA B 68 2.42 -0.64 -9.03
C ALA B 68 2.18 -1.37 -7.72
N LEU B 69 3.23 -1.46 -6.91
CA LEU B 69 3.19 -2.14 -5.63
C LEU B 69 3.83 -1.31 -4.55
N ALA B 70 3.48 -1.55 -3.30
CA ALA B 70 4.21 -0.95 -2.20
C ALA B 70 5.61 -1.57 -2.17
N PRO B 71 6.66 -0.76 -1.92
CA PRO B 71 7.95 -1.43 -1.76
C PRO B 71 8.04 -2.21 -0.43
N LEU B 72 8.95 -3.17 -0.35
CA LEU B 72 9.24 -3.81 0.93
C LEU B 72 9.98 -2.82 1.82
N ASP B 73 9.66 -2.83 3.11
CA ASP B 73 10.29 -1.95 4.09
C ASP B 73 11.74 -2.43 4.33
N PRO B 74 12.73 -1.63 3.91
CA PRO B 74 14.13 -2.07 4.02
C PRO B 74 14.63 -2.21 5.46
N GLU B 75 13.90 -1.62 6.40
CA GLU B 75 14.22 -1.73 7.82
C GLU B 75 13.70 -3.04 8.39
N ARG B 76 12.46 -3.38 8.07
CA ARG B 76 11.88 -4.65 8.49
C ARG B 76 12.65 -5.80 7.81
N LEU B 77 12.98 -5.62 6.54
CA LEU B 77 13.89 -6.54 5.82
C LEU B 77 15.20 -6.73 6.58
N ARG B 78 15.74 -5.63 7.10
CA ARG B 78 17.01 -5.65 7.81
C ARG B 78 16.89 -6.33 9.17
N LYS B 79 15.83 -6.00 9.91
CA LYS B 79 15.59 -6.61 11.21
C LYS B 79 15.37 -8.12 11.09
N SER B 80 14.60 -8.54 10.09
CA SER B 80 14.33 -9.95 9.85
C SER B 80 15.60 -10.73 9.54
N ARG B 81 16.52 -10.11 8.80
CA ARG B 81 17.83 -10.68 8.51
C ARG B 81 18.64 -10.82 9.79
N GLU B 82 18.57 -9.77 10.61
CA GLU B 82 19.28 -9.71 11.88
C GLU B 82 18.78 -10.78 12.83
N HIS B 83 17.47 -10.95 12.84
CA HIS B 83 16.77 -11.81 13.80
C HIS B 83 16.55 -13.25 13.32
N GLY B 84 17.05 -13.58 12.13
CA GLY B 84 16.89 -14.91 11.57
C GLY B 84 15.45 -15.29 11.23
N MET B 85 14.65 -14.30 10.87
CA MET B 85 13.27 -14.50 10.46
C MET B 85 13.15 -14.40 8.95
N PRO B 86 12.17 -15.11 8.35
CA PRO B 86 12.01 -15.02 6.89
C PRO B 86 11.60 -13.62 6.45
N PRO B 87 12.37 -13.01 5.51
CA PRO B 87 12.08 -11.62 5.09
C PRO B 87 10.67 -11.46 4.53
N LEU B 88 10.14 -12.52 3.93
CA LEU B 88 8.82 -12.50 3.33
C LEU B 88 7.81 -13.37 4.14
N ALA B 89 8.02 -13.47 5.46
CA ALA B 89 7.15 -14.25 6.37
C ALA B 89 5.70 -14.16 5.91
N TYR B 90 5.17 -15.28 5.44
CA TYR B 90 3.94 -15.27 4.65
C TYR B 90 2.72 -14.77 5.44
N ASP B 91 2.63 -15.09 6.73
CA ASP B 91 1.42 -14.78 7.51
C ASP B 91 1.29 -13.28 7.75
N LEU B 92 2.40 -12.64 8.10
CA LEU B 92 2.46 -11.20 8.25
C LEU B 92 2.14 -10.50 6.93
N LEU B 93 2.88 -10.84 5.88
CA LEU B 93 2.70 -10.19 4.58
C LEU B 93 1.34 -10.45 3.94
N VAL B 94 0.79 -11.65 4.10
CA VAL B 94 -0.53 -11.94 3.54
C VAL B 94 -1.58 -11.05 4.20
N ARG B 95 -1.46 -10.81 5.50
CA ARG B 95 -2.40 -9.93 6.22
C ARG B 95 -2.27 -8.45 5.86
N GLU B 96 -1.09 -8.01 5.45
CA GLU B 96 -0.91 -6.60 5.06
C GLU B 96 -1.50 -6.23 3.70
N GLY B 97 -1.68 -7.22 2.82
CA GLY B 97 -2.44 -7.03 1.58
C GLY B 97 -1.71 -6.35 0.41
N ALA B 98 -0.40 -6.12 0.53
CA ALA B 98 0.39 -5.52 -0.55
C ALA B 98 0.47 -6.39 -1.83
N TRP B 99 0.04 -7.65 -1.70
CA TRP B 99 -0.10 -8.56 -2.84
C TRP B 99 -1.37 -8.33 -3.68
N LEU B 100 -2.33 -7.58 -3.15
CA LEU B 100 -3.66 -7.53 -3.77
C LEU B 100 -3.66 -7.00 -5.21
N PRO B 101 -2.79 -6.01 -5.51
CA PRO B 101 -2.73 -5.58 -6.91
C PRO B 101 -2.45 -6.71 -7.88
N TRP B 102 -1.75 -7.75 -7.44
CA TRP B 102 -1.49 -8.90 -8.30
C TRP B 102 -2.77 -9.69 -8.60
N LEU B 103 -3.64 -9.83 -7.59
CA LEU B 103 -4.93 -10.48 -7.78
C LEU B 103 -5.80 -9.70 -8.76
N ASP B 104 -5.88 -8.39 -8.57
CA ASP B 104 -6.61 -7.55 -9.50
C ASP B 104 -6.13 -7.74 -10.94
N ALA B 105 -4.82 -7.76 -11.14
CA ALA B 105 -4.26 -7.87 -12.49
C ALA B 105 -4.48 -9.26 -13.09
N LEU B 106 -4.38 -10.29 -12.27
CA LEU B 106 -4.68 -11.65 -12.73
C LEU B 106 -6.12 -11.77 -13.23
N LEU B 107 -7.06 -11.29 -12.42
CA LEU B 107 -8.48 -11.36 -12.76
C LEU B 107 -8.78 -10.53 -14.02
N ALA B 108 -8.21 -9.33 -14.07
CA ALA B 108 -8.31 -8.45 -15.25
C ALA B 108 -7.72 -9.10 -16.50
N GLY B 109 -6.72 -9.96 -16.33
CA GLY B 109 -6.07 -10.66 -17.44
C GLY B 109 -6.83 -11.90 -17.87
N TYR B 110 -7.87 -12.23 -17.11
CA TYR B 110 -8.63 -13.45 -17.29
C TYR B 110 -10.10 -13.16 -17.62
N PRO B 111 -10.40 -12.13 -18.44
CA PRO B 111 -11.82 -11.83 -18.64
C PRO B 111 -12.55 -12.70 -19.67
N ALA B 112 -12.05 -13.90 -19.95
CA ALA B 112 -12.81 -14.92 -20.65
C ALA B 112 -12.60 -16.28 -19.97
N PRO B 113 -13.67 -16.88 -19.40
CA PRO B 113 -13.56 -18.15 -18.71
C PRO B 113 -13.91 -19.36 -19.60
N ALA B 114 -13.40 -20.53 -19.23
CA ALA B 114 -13.66 -21.76 -20.00
C ALA B 114 -15.10 -22.24 -19.79
N ASN B 115 -15.32 -23.04 -18.75
CA ASN B 115 -16.67 -23.48 -18.42
C ASN B 115 -17.41 -22.40 -17.61
N ALA B 116 -18.69 -22.66 -17.30
CA ALA B 116 -19.49 -21.73 -16.51
C ALA B 116 -19.03 -21.64 -15.04
N ALA B 117 -18.32 -22.68 -14.59
CA ALA B 117 -17.87 -22.74 -13.20
C ALA B 117 -16.59 -21.94 -12.97
N VAL B 118 -15.70 -21.94 -13.97
CA VAL B 118 -14.52 -21.06 -13.95
C VAL B 118 -14.99 -19.61 -13.91
N GLY B 119 -15.99 -19.28 -14.72
CA GLY B 119 -16.54 -17.92 -14.77
C GLY B 119 -17.18 -17.51 -13.46
N ALA B 120 -17.92 -18.44 -12.86
CA ALA B 120 -18.47 -18.25 -11.51
C ALA B 120 -17.36 -18.03 -10.49
N ALA B 121 -16.27 -18.80 -10.60
CA ALA B 121 -15.13 -18.67 -9.68
C ALA B 121 -14.49 -17.29 -9.79
N LEU B 122 -14.24 -16.87 -11.04
CA LEU B 122 -13.66 -15.54 -11.31
C LEU B 122 -14.54 -14.41 -10.79
N GLU B 123 -15.85 -14.50 -11.04
CA GLU B 123 -16.79 -13.50 -10.53
C GLU B 123 -16.78 -13.41 -9.00
N GLN B 124 -16.72 -14.56 -8.33
CA GLN B 124 -16.68 -14.56 -6.87
C GLN B 124 -15.43 -13.81 -6.37
N LEU B 125 -14.30 -14.03 -7.03
CA LEU B 125 -13.07 -13.31 -6.69
C LEU B 125 -13.12 -11.81 -7.03
N ARG B 126 -13.68 -11.47 -8.19
CA ARG B 126 -13.83 -10.07 -8.58
C ARG B 126 -14.72 -9.33 -7.60
N GLU B 127 -15.83 -9.96 -7.21
CA GLU B 127 -16.80 -9.38 -6.30
C GLU B 127 -16.38 -9.36 -4.83
N ALA B 128 -15.41 -10.20 -4.46
CA ALA B 128 -15.04 -10.38 -3.06
C ALA B 128 -14.35 -9.15 -2.50
N GLU B 129 -14.83 -8.66 -1.36
CA GLU B 129 -14.23 -7.48 -0.75
C GLU B 129 -12.83 -7.81 -0.24
N GLU B 130 -12.05 -6.78 0.04
CA GLU B 130 -10.70 -6.95 0.54
C GLU B 130 -10.58 -7.93 1.72
N GLY B 131 -11.41 -7.78 2.74
CA GLY B 131 -11.36 -8.64 3.92
C GLY B 131 -11.59 -10.11 3.58
N GLN B 132 -12.49 -10.35 2.62
CA GLN B 132 -12.85 -11.68 2.18
C GLN B 132 -11.70 -12.33 1.42
N ARG B 133 -11.04 -11.54 0.57
CA ARG B 133 -9.87 -11.98 -0.16
C ARG B 133 -8.74 -12.39 0.76
N LYS B 134 -8.49 -11.55 1.77
CA LYS B 134 -7.45 -11.83 2.75
C LYS B 134 -7.78 -13.06 3.58
N ALA B 135 -9.04 -13.22 3.96
CA ALA B 135 -9.49 -14.42 4.69
C ALA B 135 -9.15 -15.68 3.91
N TRP B 136 -9.48 -15.70 2.62
CA TRP B 136 -9.22 -16.86 1.78
C TRP B 136 -7.70 -17.08 1.56
N ALA B 137 -6.94 -16.00 1.40
CA ALA B 137 -5.48 -16.08 1.22
C ALA B 137 -4.80 -16.62 2.48
N ILE B 138 -5.23 -16.12 3.65
CA ILE B 138 -4.72 -16.63 4.95
C ILE B 138 -5.00 -18.14 5.09
N ALA B 139 -6.24 -18.55 4.85
CA ALA B 139 -6.61 -19.96 4.86
C ALA B 139 -5.72 -20.77 3.91
N LEU B 140 -5.61 -20.32 2.68
CA LEU B 140 -4.82 -21.03 1.67
C LEU B 140 -3.34 -21.20 2.08
N LEU B 141 -2.71 -20.13 2.54
CA LEU B 141 -1.27 -20.18 2.88
C LEU B 141 -0.99 -20.87 4.22
N SER B 142 -2.04 -21.14 4.98
CA SER B 142 -1.92 -21.88 6.21
C SER B 142 -2.40 -23.33 6.04
N GLY B 143 -2.75 -23.71 4.81
CA GLY B 143 -3.17 -25.09 4.51
C GLY B 143 -4.60 -25.43 4.92
N GLN B 144 -5.39 -24.41 5.25
CA GLN B 144 -6.78 -24.62 5.69
C GLN B 144 -7.72 -24.53 4.48
N PHE B 145 -7.68 -25.57 3.66
CA PHE B 145 -8.40 -25.60 2.39
C PHE B 145 -9.92 -25.60 2.53
N ASP B 146 -10.44 -26.01 3.68
CA ASP B 146 -11.89 -25.98 3.91
C ASP B 146 -12.45 -24.57 4.14
N LEU B 147 -11.57 -23.58 4.27
CA LEU B 147 -12.00 -22.19 4.53
C LEU B 147 -11.94 -21.26 3.32
N LEU B 148 -11.63 -21.81 2.14
CA LEU B 148 -11.89 -21.12 0.87
C LEU B 148 -12.50 -22.10 -0.14
N PRO B 149 -13.24 -21.57 -1.14
CA PRO B 149 -13.82 -22.50 -2.09
C PRO B 149 -12.76 -23.12 -2.99
N ALA B 150 -12.85 -24.42 -3.21
CA ALA B 150 -11.86 -25.14 -4.01
C ALA B 150 -11.70 -24.57 -5.41
N ALA B 151 -12.79 -24.11 -6.02
CA ALA B 151 -12.73 -23.56 -7.37
C ALA B 151 -11.96 -22.23 -7.48
N LEU B 152 -11.82 -21.52 -6.37
CA LEU B 152 -11.08 -20.24 -6.34
C LEU B 152 -9.57 -20.44 -6.12
N VAL B 153 -9.18 -21.60 -5.60
CA VAL B 153 -7.79 -21.88 -5.23
C VAL B 153 -6.79 -21.64 -6.35
N PRO B 154 -7.02 -22.20 -7.56
CA PRO B 154 -6.04 -21.92 -8.62
C PRO B 154 -5.78 -20.43 -8.89
N PHE B 155 -6.85 -19.64 -8.92
CA PHE B 155 -6.69 -18.21 -9.25
C PHE B 155 -6.02 -17.43 -8.11
N LEU B 156 -6.45 -17.66 -6.89
CA LEU B 156 -5.89 -16.98 -5.74
C LEU B 156 -4.46 -17.46 -5.46
N GLY B 157 -4.26 -18.77 -5.47
CA GLY B 157 -2.90 -19.33 -5.39
C GLY B 157 -1.93 -18.79 -6.43
N ALA B 158 -2.39 -18.73 -7.68
CA ALA B 158 -1.54 -18.18 -8.76
C ALA B 158 -1.13 -16.74 -8.49
N ALA B 159 -2.06 -15.91 -8.00
CA ALA B 159 -1.75 -14.51 -7.73
C ALA B 159 -0.77 -14.37 -6.59
N LEU B 160 -0.94 -15.19 -5.55
CA LEU B 160 -0.04 -15.16 -4.39
C LEU B 160 1.37 -15.63 -4.78
N GLN B 161 1.46 -16.66 -5.62
CA GLN B 161 2.75 -17.15 -6.16
C GLN B 161 3.53 -16.09 -6.90
N VAL B 162 2.83 -15.37 -7.77
CA VAL B 162 3.47 -14.31 -8.54
C VAL B 162 3.95 -13.21 -7.60
N ALA B 163 3.11 -12.82 -6.65
CA ALA B 163 3.47 -11.79 -5.66
C ALA B 163 4.74 -12.16 -4.94
N TRP B 164 4.81 -13.39 -4.42
CA TRP B 164 5.94 -13.78 -3.56
C TRP B 164 7.22 -14.03 -4.36
N SER B 165 7.08 -14.66 -5.52
CA SER B 165 8.22 -14.75 -6.46
C SER B 165 8.79 -13.39 -6.87
N HIS B 166 7.93 -12.45 -7.22
CA HIS B 166 8.36 -11.10 -7.51
C HIS B 166 9.16 -10.55 -6.34
N TRP B 167 8.66 -10.71 -5.11
CA TRP B 167 9.39 -10.21 -3.94
C TRP B 167 10.70 -10.93 -3.72
N LEU B 168 10.71 -12.24 -3.91
CA LEU B 168 11.92 -13.06 -3.72
C LEU B 168 13.02 -12.66 -4.70
N LEU B 169 12.65 -12.37 -5.94
CA LEU B 169 13.66 -12.01 -6.95
C LEU B 169 14.23 -10.61 -6.74
N GLY B 170 13.59 -9.84 -5.88
CA GLY B 170 14.09 -8.53 -5.47
C GLY B 170 14.96 -8.49 -4.22
N LEU B 171 15.13 -9.62 -3.52
CA LEU B 171 15.97 -9.62 -2.32
C LEU B 171 17.46 -9.43 -2.66
N GLU B 173 20.98 -10.99 -1.72
CA GLU B 173 22.09 -11.83 -1.27
C GLU B 173 22.45 -11.53 0.17
N GLY B 174 22.49 -12.57 0.99
CA GLY B 174 22.68 -12.41 2.42
C GLY B 174 21.38 -12.10 3.16
N ALA B 175 20.30 -11.87 2.42
CA ALA B 175 18.96 -11.65 3.00
C ALA B 175 18.63 -12.72 4.04
N VAL B 176 19.13 -13.94 3.80
CA VAL B 176 19.19 -15.00 4.79
C VAL B 176 20.65 -15.39 5.06
N VAL B 177 21.11 -15.13 6.28
CA VAL B 177 22.36 -15.69 6.78
C VAL B 177 22.08 -16.59 8.00
N GLU B 178 21.06 -16.24 8.78
CA GLU B 178 20.64 -17.05 9.93
C GLU B 178 19.66 -18.12 9.44
N THR B 179 18.99 -18.79 10.38
CA THR B 179 18.11 -19.92 10.07
C THR B 179 17.13 -20.19 11.22
N ARG B 182 14.59 -25.30 9.21
CA ARG B 182 15.21 -25.89 8.01
C ARG B 182 14.26 -26.74 7.17
N THR B 183 13.09 -27.07 7.72
CA THR B 183 12.04 -27.74 6.97
C THR B 183 11.06 -26.75 6.31
N LEU B 184 11.20 -25.47 6.62
CA LEU B 184 10.34 -24.43 6.04
C LEU B 184 11.19 -23.47 5.21
N CYS B 185 10.57 -22.80 4.25
CA CYS B 185 11.29 -21.88 3.35
C CYS B 185 12.03 -20.79 4.12
N PRO B 186 13.35 -20.64 3.86
CA PRO B 186 14.10 -19.57 4.51
C PRO B 186 13.63 -18.16 4.12
N ALA B 187 13.01 -18.04 2.95
CA ALA B 187 12.61 -16.74 2.43
C ALA B 187 11.26 -16.33 2.96
N CYS B 188 10.32 -17.26 3.08
CA CYS B 188 8.93 -16.95 3.39
C CYS B 188 8.30 -17.78 4.49
N GLY B 189 8.92 -18.89 4.90
CA GLY B 189 8.43 -19.69 6.01
C GLY B 189 7.31 -20.67 5.62
N SER B 190 7.07 -20.81 4.31
CA SER B 190 6.07 -21.73 3.80
C SER B 190 6.67 -23.13 3.68
N PRO B 191 5.81 -24.14 3.75
CA PRO B 191 6.25 -25.49 3.46
C PRO B 191 6.59 -25.71 1.98
N PRO B 192 7.41 -26.75 1.70
CA PRO B 192 7.75 -27.11 0.34
C PRO B 192 6.55 -27.72 -0.35
N MET B 193 6.53 -27.64 -1.68
CA MET B 193 5.54 -28.32 -2.49
C MET B 193 6.09 -29.69 -2.94
N ALA B 194 7.41 -29.81 -2.95
CA ALA B 194 8.11 -30.97 -3.52
C ALA B 194 9.59 -30.88 -3.20
N GLY B 195 10.30 -32.00 -3.36
CA GLY B 195 11.76 -32.01 -3.29
C GLY B 195 12.37 -32.12 -4.68
N MET B 196 13.60 -31.64 -4.85
CA MET B 196 14.30 -31.75 -6.13
C MET B 196 15.71 -32.26 -5.87
N ILE B 197 16.09 -33.30 -6.62
CA ILE B 197 17.44 -33.83 -6.57
C ILE B 197 18.12 -33.43 -7.89
N ARG B 198 19.16 -32.61 -7.76
CA ARG B 198 19.81 -31.99 -8.89
C ARG B 198 21.20 -32.58 -9.04
N GLN B 199 21.55 -32.95 -10.28
CA GLN B 199 22.82 -33.60 -10.63
C GLN B 199 23.30 -34.62 -9.60
N THR B 204 26.27 -38.67 -6.59
CA THR B 204 25.19 -38.46 -5.62
C THR B 204 24.69 -37.02 -5.71
N GLY B 205 23.52 -36.82 -6.31
CA GLY B 205 22.93 -35.49 -6.43
C GLY B 205 22.60 -34.82 -5.12
N LEU B 206 22.47 -33.50 -5.16
CA LEU B 206 22.10 -32.71 -3.98
C LEU B 206 20.58 -32.56 -3.89
N ARG B 207 20.06 -32.64 -2.66
CA ARG B 207 18.63 -32.47 -2.45
C ARG B 207 18.25 -31.04 -2.05
N TYR B 208 17.19 -30.56 -2.68
CA TYR B 208 16.61 -29.26 -2.38
C TYR B 208 15.15 -29.42 -2.07
N LEU B 209 14.66 -28.58 -1.16
CA LEU B 209 13.24 -28.42 -0.97
C LEU B 209 12.83 -27.22 -1.80
N SER B 210 11.63 -27.28 -2.37
CA SER B 210 11.14 -26.28 -3.30
C SER B 210 9.89 -25.64 -2.72
N CYS B 211 9.94 -24.36 -2.43
CA CYS B 211 8.85 -23.67 -1.72
C CYS B 211 7.53 -23.66 -2.48
N SER B 212 6.44 -24.03 -1.79
CA SER B 212 5.10 -24.00 -2.38
C SER B 212 4.64 -22.59 -2.78
N LEU B 213 5.14 -21.55 -2.11
CA LEU B 213 4.63 -20.19 -2.28
C LEU B 213 5.53 -19.33 -3.19
N CYS B 214 6.80 -19.19 -2.82
CA CYS B 214 7.68 -18.24 -3.50
C CYS B 214 8.65 -18.88 -4.54
N ALA B 215 8.68 -20.21 -4.57
CA ALA B 215 9.49 -20.99 -5.51
C ALA B 215 10.99 -20.97 -5.21
N CYS B 216 11.37 -20.45 -4.04
CA CYS B 216 12.74 -20.59 -3.57
C CYS B 216 13.05 -22.08 -3.38
N GLU B 217 14.27 -22.49 -3.73
CA GLU B 217 14.81 -23.81 -3.37
C GLU B 217 15.88 -23.65 -2.30
N TRP B 218 15.92 -24.59 -1.37
CA TRP B 218 16.91 -24.55 -0.32
C TRP B 218 17.43 -25.94 -0.03
N HIS B 219 18.67 -25.98 0.42
CA HIS B 219 19.37 -27.23 0.68
C HIS B 219 18.71 -27.93 1.86
N TYR B 220 18.56 -29.24 1.74
CA TYR B 220 18.06 -30.06 2.85
C TYR B 220 18.78 -31.41 2.76
N VAL B 221 19.39 -31.84 3.86
CA VAL B 221 20.17 -33.09 3.87
C VAL B 221 19.36 -34.26 3.30
N ARG B 222 20.00 -35.04 2.44
CA ARG B 222 19.33 -36.09 1.65
C ARG B 222 18.75 -37.26 2.42
N ILE B 223 19.23 -37.51 3.63
CA ILE B 223 18.83 -38.71 4.36
C ILE B 223 17.94 -38.37 5.56
N LYS B 224 16.83 -37.69 5.29
CA LYS B 224 16.07 -37.04 6.37
C LYS B 224 14.62 -36.73 6.02
N CYS B 225 13.70 -37.03 6.93
CA CYS B 225 12.32 -36.67 6.70
C CYS B 225 12.12 -35.15 6.65
N SER B 226 11.33 -34.69 5.68
CA SER B 226 11.09 -33.25 5.48
C SER B 226 10.13 -32.65 6.52
N HIS B 227 9.47 -33.52 7.29
CA HIS B 227 8.57 -33.11 8.36
C HIS B 227 9.17 -33.46 9.72
N CYS B 228 9.50 -34.73 9.92
CA CYS B 228 10.06 -35.27 11.17
C CYS B 228 11.48 -34.86 11.44
N GLU B 229 12.28 -34.79 10.37
CA GLU B 229 13.74 -34.73 10.44
C GLU B 229 14.38 -36.05 10.89
N GLU B 230 13.57 -37.11 10.95
CA GLU B 230 14.04 -38.44 11.33
C GLU B 230 14.78 -39.02 10.14
N SER B 231 15.92 -39.64 10.41
CA SER B 231 16.83 -40.11 9.36
C SER B 231 16.74 -41.62 9.13
N LYS B 232 16.18 -42.36 10.07
CA LYS B 232 16.16 -43.82 9.98
C LYS B 232 14.86 -44.35 9.39
N HIS B 233 14.97 -45.47 8.69
CA HIS B 233 13.81 -46.24 8.18
C HIS B 233 12.98 -45.53 7.12
N LEU B 234 13.60 -44.61 6.39
CA LEU B 234 12.96 -43.94 5.26
C LEU B 234 12.94 -44.89 4.08
N ALA B 235 11.89 -44.83 3.28
CA ALA B 235 11.79 -45.65 2.08
C ALA B 235 11.36 -44.83 0.88
N TYR B 236 11.66 -45.36 -0.29
CA TYR B 236 11.53 -44.60 -1.53
C TYR B 236 10.69 -45.38 -2.53
N LEU B 237 9.58 -44.75 -2.91
CA LEU B 237 8.52 -45.38 -3.67
C LEU B 237 8.33 -44.72 -5.03
N SER B 238 8.17 -45.54 -6.06
CA SER B 238 7.92 -45.08 -7.42
C SER B 238 6.84 -45.98 -8.04
N LEU B 239 6.22 -45.48 -9.11
CA LEU B 239 4.99 -46.07 -9.66
C LEU B 239 5.12 -46.30 -11.17
N GLY B 243 4.24 -45.60 -18.75
CA GLY B 243 5.52 -45.18 -18.16
C GLY B 243 6.69 -46.05 -18.57
N GLN B 244 7.87 -45.70 -18.06
CA GLN B 244 9.13 -46.41 -18.39
C GLN B 244 9.57 -47.28 -17.17
N PRO B 245 10.79 -47.88 -17.21
CA PRO B 245 11.18 -48.68 -16.03
C PRO B 245 11.53 -47.86 -14.78
N ALA B 246 11.49 -48.51 -13.62
CA ALA B 246 11.56 -47.83 -12.31
C ALA B 246 12.93 -47.23 -11.99
N GLU B 247 14.00 -47.94 -12.34
CA GLU B 247 15.36 -47.44 -12.08
C GLU B 247 15.71 -46.16 -12.85
N LYS B 248 14.88 -45.81 -13.84
CA LYS B 248 15.04 -44.58 -14.61
C LYS B 248 13.99 -43.51 -14.24
N ALA B 249 13.31 -43.71 -13.12
CA ALA B 249 12.16 -42.87 -12.74
C ALA B 249 12.55 -41.44 -12.33
N VAL B 250 11.78 -40.46 -12.81
CA VAL B 250 11.97 -39.07 -12.44
C VAL B 250 11.38 -38.83 -11.05
N LEU B 251 10.25 -39.47 -10.76
CA LEU B 251 9.58 -39.31 -9.47
C LEU B 251 9.81 -40.50 -8.52
N ARG B 252 10.25 -40.18 -7.30
CA ARG B 252 10.26 -41.12 -6.18
C ARG B 252 9.77 -40.42 -4.93
N ALA B 253 8.76 -41.00 -4.28
CA ALA B 253 8.22 -40.45 -3.04
C ALA B 253 9.01 -40.95 -1.83
N GLU B 254 9.58 -40.01 -1.08
CA GLU B 254 10.23 -40.30 0.19
C GLU B 254 9.16 -40.50 1.25
N THR B 255 9.11 -41.70 1.85
CA THR B 255 8.10 -42.00 2.87
C THR B 255 8.78 -42.16 4.22
N CYS B 256 8.05 -41.85 5.28
CA CYS B 256 8.57 -41.92 6.63
C CYS B 256 7.60 -42.63 7.55
N PRO B 257 8.03 -43.72 8.19
CA PRO B 257 7.15 -44.47 9.09
C PRO B 257 6.94 -43.80 10.46
N SER B 258 7.73 -42.76 10.76
CA SER B 258 7.71 -42.15 12.08
C SER B 258 6.64 -41.09 12.16
N CYS B 259 6.54 -40.23 11.15
CA CYS B 259 5.43 -39.29 11.00
C CYS B 259 4.35 -39.82 10.08
N GLN B 260 4.65 -40.91 9.38
CA GLN B 260 3.78 -41.41 8.30
C GLN B 260 3.60 -40.33 7.21
N GLY B 261 4.66 -39.58 6.96
CA GLY B 261 4.64 -38.54 5.93
C GLY B 261 5.15 -39.08 4.61
N TYR B 262 4.79 -38.41 3.53
CA TYR B 262 5.52 -38.56 2.27
C TYR B 262 5.73 -37.21 1.61
N LEU B 263 6.86 -37.09 0.91
CA LEU B 263 7.18 -35.97 0.04
C LEU B 263 7.56 -36.53 -1.34
N LYS B 264 6.91 -36.04 -2.38
CA LYS B 264 7.27 -36.39 -3.76
C LYS B 264 8.52 -35.62 -4.15
N GLN B 265 9.47 -36.29 -4.78
CA GLN B 265 10.72 -35.65 -5.19
C GLN B 265 11.06 -36.00 -6.63
N PHE B 266 11.60 -35.03 -7.35
CA PHE B 266 11.85 -35.18 -8.77
C PHE B 266 13.36 -35.21 -9.00
N TYR B 267 13.80 -36.19 -9.79
CA TYR B 267 15.21 -36.46 -10.01
C TYR B 267 15.61 -35.97 -11.39
N LEU B 268 16.27 -34.82 -11.43
CA LEU B 268 16.63 -34.20 -12.69
C LEU B 268 17.60 -35.01 -13.57
N GLU B 269 18.44 -35.84 -12.93
CA GLU B 269 19.27 -36.82 -13.64
C GLU B 269 18.48 -37.59 -14.70
N PHE B 270 17.21 -37.87 -14.42
CA PHE B 270 16.40 -38.71 -15.31
C PHE B 270 15.49 -37.92 -16.25
N ASP B 271 15.27 -36.64 -15.95
CA ASP B 271 14.61 -35.72 -16.87
C ASP B 271 14.96 -34.29 -16.49
N ARG B 272 15.78 -33.68 -17.33
CA ARG B 272 16.34 -32.36 -17.09
C ARG B 272 15.29 -31.26 -16.97
N HIS B 273 14.12 -31.49 -17.57
CA HIS B 273 13.05 -30.50 -17.56
C HIS B 273 12.08 -30.64 -16.40
N ALA B 274 12.37 -31.53 -15.44
CA ALA B 274 11.43 -31.75 -14.32
C ALA B 274 11.15 -30.45 -13.58
N ASP B 275 9.90 -30.26 -13.17
CA ASP B 275 9.44 -29.03 -12.56
C ASP B 275 8.57 -29.35 -11.35
N ALA B 276 8.88 -28.72 -10.23
CA ALA B 276 8.23 -29.01 -8.98
C ALA B 276 6.71 -28.92 -9.05
N LEU B 277 6.19 -27.93 -9.75
CA LEU B 277 4.72 -27.77 -9.84
C LEU B 277 4.12 -28.69 -10.88
N ALA B 278 4.66 -28.64 -12.08
CA ALA B 278 4.14 -29.37 -13.24
C ALA B 278 4.14 -30.88 -13.03
N ASP B 279 5.26 -31.42 -12.59
CA ASP B 279 5.41 -32.84 -12.38
C ASP B 279 4.58 -33.28 -11.18
N ASP B 280 4.38 -32.40 -10.21
CA ASP B 280 3.49 -32.70 -9.09
C ASP B 280 2.06 -32.95 -9.61
N LEU B 281 1.54 -32.00 -10.37
CA LEU B 281 0.18 -32.08 -10.87
C LEU B 281 -0.02 -33.20 -11.88
N ALA B 282 1.04 -33.63 -12.55
CA ALA B 282 0.96 -34.75 -13.49
C ALA B 282 1.09 -36.12 -12.82
N SER B 283 1.32 -36.15 -11.50
CA SER B 283 1.58 -37.42 -10.81
C SER B 283 0.67 -37.62 -9.60
N LEU B 284 -0.57 -37.14 -9.71
CA LEU B 284 -1.52 -37.24 -8.62
C LEU B 284 -1.96 -38.70 -8.35
N ALA B 285 -1.73 -39.61 -9.31
CA ALA B 285 -1.88 -41.06 -9.08
C ALA B 285 -0.98 -41.60 -7.96
N LEU B 286 0.22 -41.03 -7.80
CA LEU B 286 1.14 -41.51 -6.76
C LEU B 286 0.67 -41.04 -5.38
N ASP B 287 0.08 -39.84 -5.32
CA ASP B 287 -0.54 -39.34 -4.10
C ASP B 287 -1.65 -40.28 -3.62
N MET B 288 -2.43 -40.82 -4.56
CA MET B 288 -3.52 -41.76 -4.22
C MET B 288 -2.99 -43.10 -3.68
N ARG B 289 -2.00 -43.67 -4.35
CA ARG B 289 -1.36 -44.91 -3.87
C ARG B 289 -0.80 -44.71 -2.46
N LEU B 290 -0.07 -43.63 -2.27
CA LEU B 290 0.55 -43.35 -0.98
C LEU B 290 -0.50 -43.11 0.12
N ALA B 291 -1.53 -42.34 -0.22
CA ALA B 291 -2.63 -42.07 0.70
C ALA B 291 -3.42 -43.34 1.04
N GLU B 292 -3.58 -44.24 0.06
CA GLU B 292 -4.21 -45.54 0.31
C GLU B 292 -3.38 -46.45 1.22
N ASP B 293 -2.06 -46.25 1.22
CA ASP B 293 -1.16 -46.99 2.10
C ASP B 293 -0.98 -46.29 3.47
N GLY B 294 -1.78 -45.27 3.75
CA GLY B 294 -1.76 -44.62 5.06
C GLY B 294 -0.69 -43.56 5.30
N TYR B 295 -0.18 -42.97 4.22
CA TYR B 295 0.82 -41.91 4.33
C TYR B 295 0.17 -40.56 4.03
N LEU B 296 0.60 -39.48 4.70
CA LEU B 296 0.02 -38.18 4.40
C LEU B 296 0.99 -37.10 3.92
N ARG B 297 0.44 -36.28 3.05
CA ARG B 297 1.17 -35.24 2.37
C ARG B 297 1.04 -33.95 3.17
N ARG B 298 2.16 -33.32 3.45
CA ARG B 298 2.17 -32.03 4.17
C ARG B 298 2.85 -30.94 3.33
N SER B 299 2.93 -31.18 2.02
CA SER B 299 3.59 -30.29 1.10
C SER B 299 2.55 -29.74 0.12
N PRO B 300 2.06 -28.53 0.36
CA PRO B 300 0.89 -28.10 -0.41
C PRO B 300 1.21 -27.68 -1.86
N ASN B 301 0.22 -27.83 -2.74
CA ASN B 301 0.25 -27.22 -4.08
C ASN B 301 -0.84 -26.16 -4.06
N LEU B 302 -0.46 -24.91 -4.28
CA LEU B 302 -1.39 -23.77 -4.11
C LEU B 302 -2.33 -23.54 -5.28
N LEU B 303 -2.16 -24.30 -6.35
CA LEU B 303 -3.05 -24.20 -7.50
C LEU B 303 -4.14 -25.28 -7.47
N LEU B 304 -3.99 -26.28 -6.60
CA LEU B 304 -4.91 -27.43 -6.52
C LEU B 304 -5.25 -27.81 -5.08
N ALA B 305 -6.52 -27.65 -4.71
CA ALA B 305 -6.99 -28.11 -3.40
C ALA B 305 -7.00 -29.63 -3.36
N PRO B 306 -6.56 -30.23 -2.24
CA PRO B 306 -6.58 -31.68 -2.15
C PRO B 306 -8.00 -32.11 -1.79
N GLY B 307 -8.61 -33.08 -2.47
CA GLY B 307 -8.08 -33.76 -3.66
C GLY B 307 -9.06 -33.49 -4.78
N GLY B 308 -8.65 -32.76 -5.83
CA GLY B 308 -7.25 -32.52 -6.17
C GLY B 308 -6.80 -33.62 -7.12
#